data_3S5O
#
_entry.id   3S5O
#
_cell.length_a   141.230
_cell.length_b   141.230
_cell.length_c   108.388
_cell.angle_alpha   90.00
_cell.angle_beta   90.00
_cell.angle_gamma   120.00
#
_symmetry.space_group_name_H-M   'P 64 2 2'
#
loop_
_entity.id
_entity.type
_entity.pdbx_description
1 polymer '4-hydroxy-2-oxoglutarate aldolase, mitochondrial'
2 non-polymer 1,2-ETHANEDIOL
3 non-polymer 'POTASSIUM ION'
4 water water
#
_entity_poly.entity_id   1
_entity_poly.type   'polypeptide(L)'
_entity_poly.pdbx_seq_one_letter_code
;GPLGSASGEGKKVDIAGIYPPVTTPFTATAEVDYGKLEENLHKLGTFPFRGFVVQGSNGEFPFLTSSERLEVVSRVRQAM
PKNRLLLAGSGCESTQATVEMTVSMAQVGADAAMVVTPCYYRGRMSSAALIHHYTKVADLSPIPVVLYSVPANTGLDLPV
DAVVTLSQHPNIVGM(KPI)DSGGDVTRIGLIVHKTRKQDFQVLAGSAGFLMASYALGAVGGVCALANVLGAQVCQLERL
CCTGQWEDAQKLQHRLIEPNAAVTRRFGIPGLKKIMDWFGYYGGPCRAPLQELSPAEEEALRMDFTSNGWL
;
_entity_poly.pdbx_strand_id   A
#
loop_
_chem_comp.id
_chem_comp.type
_chem_comp.name
_chem_comp.formula
EDO non-polymer 1,2-ETHANEDIOL 'C2 H6 O2'
K non-polymer 'POTASSIUM ION' 'K 1'
#
# COMPACT_ATOMS: atom_id res chain seq x y z
N LYS A 12 -10.28 -13.92 12.12
CA LYS A 12 -9.81 -13.64 10.73
C LYS A 12 -8.29 -13.47 10.71
N VAL A 13 -7.73 -13.09 9.57
CA VAL A 13 -6.28 -13.12 9.43
C VAL A 13 -5.60 -12.11 10.41
N ASP A 14 -4.29 -12.11 10.45
CA ASP A 14 -3.60 -11.11 11.23
C ASP A 14 -2.86 -10.36 10.15
N ILE A 15 -3.11 -9.05 10.07
CA ILE A 15 -2.50 -8.27 8.99
C ILE A 15 -1.26 -7.48 9.40
N ALA A 16 -0.85 -7.59 10.67
CA ALA A 16 0.35 -6.91 11.16
C ALA A 16 1.55 -7.22 10.28
N GLY A 17 2.44 -6.24 10.13
CA GLY A 17 3.72 -6.45 9.44
C GLY A 17 3.94 -5.48 8.29
N ILE A 18 4.95 -5.75 7.48
CA ILE A 18 5.36 -4.86 6.38
C ILE A 18 5.01 -5.47 5.03
N TYR A 19 4.50 -4.64 4.12
CA TYR A 19 4.19 -5.10 2.76
C TYR A 19 4.69 -4.07 1.78
N PRO A 20 5.31 -4.50 0.68
CA PRO A 20 5.47 -3.51 -0.37
C PRO A 20 4.17 -3.50 -1.21
N PRO A 21 3.67 -2.31 -1.59
CA PRO A 21 2.60 -2.28 -2.58
C PRO A 21 3.30 -2.42 -3.93
N VAL A 22 3.17 -3.59 -4.54
CA VAL A 22 4.02 -3.90 -5.68
C VAL A 22 3.57 -3.14 -6.94
N THR A 23 4.53 -2.86 -7.82
CA THR A 23 4.22 -2.16 -9.07
C THR A 23 3.67 -3.13 -10.10
N THR A 24 3.13 -2.56 -11.19
CA THR A 24 2.81 -3.35 -12.38
C THR A 24 3.84 -3.03 -13.44
N PRO A 25 4.73 -3.98 -13.75
CA PRO A 25 5.66 -3.77 -14.85
C PRO A 25 4.91 -3.78 -16.18
N PHE A 26 5.34 -2.92 -17.10
CA PHE A 26 4.80 -2.90 -18.45
C PHE A 26 5.90 -3.11 -19.45
N THR A 27 5.54 -3.69 -20.59
CA THR A 27 6.46 -3.83 -21.72
C THR A 27 6.60 -2.52 -22.50
N ALA A 28 7.51 -2.53 -23.48
CA ALA A 28 7.72 -1.39 -24.36
C ALA A 28 6.45 -0.99 -25.13
N THR A 29 5.49 -1.91 -25.23
CA THR A 29 4.21 -1.61 -25.88
C THR A 29 3.06 -1.46 -24.86
N ALA A 30 3.42 -1.21 -23.59
CA ALA A 30 2.44 -0.94 -22.51
C ALA A 30 1.61 -2.14 -22.05
N GLU A 31 1.96 -3.34 -22.49
CA GLU A 31 1.28 -4.54 -21.98
C GLU A 31 1.86 -4.85 -20.60
N VAL A 32 1.07 -5.48 -19.74
CA VAL A 32 1.56 -5.97 -18.45
C VAL A 32 2.66 -7.01 -18.73
N ASP A 33 3.83 -6.80 -18.14
CA ASP A 33 4.93 -7.74 -18.27
C ASP A 33 4.95 -8.70 -17.09
N TYR A 34 4.21 -9.80 -17.24
CA TYR A 34 4.09 -10.81 -16.19
C TYR A 34 5.42 -11.52 -15.87
N GLY A 35 6.30 -11.66 -16.86
CA GLY A 35 7.64 -12.21 -16.62
C GLY A 35 8.43 -11.36 -15.65
N LYS A 36 8.47 -10.05 -15.90
CA LYS A 36 9.17 -9.12 -15.01
C LYS A 36 8.50 -9.01 -13.65
N LEU A 37 7.17 -9.06 -13.63
CA LEU A 37 6.40 -9.10 -12.38
C LEU A 37 6.84 -10.28 -11.50
N GLU A 38 6.87 -11.48 -12.10
CA GLU A 38 7.26 -12.69 -11.38
C GLU A 38 8.71 -12.59 -10.89
N GLU A 39 9.60 -12.10 -11.73
CA GLU A 39 11.00 -11.92 -11.36
C GLU A 39 11.16 -10.97 -10.18
N ASN A 40 10.49 -9.81 -10.25
CA ASN A 40 10.53 -8.87 -9.13
C ASN A 40 10.01 -9.47 -7.83
N LEU A 41 8.89 -10.21 -7.92
CA LEU A 41 8.24 -10.77 -6.74
C LEU A 41 9.12 -11.84 -6.09
N HIS A 42 9.79 -12.64 -6.92
CA HIS A 42 10.71 -13.64 -6.41
CA HIS A 42 10.72 -13.64 -6.40
C HIS A 42 11.84 -12.96 -5.65
N LYS A 43 12.40 -11.87 -6.20
CA LYS A 43 13.39 -11.07 -5.48
C LYS A 43 12.87 -10.50 -4.16
N LEU A 44 11.68 -9.88 -4.19
CA LEU A 44 11.12 -9.26 -2.98
C LEU A 44 10.73 -10.29 -1.93
N GLY A 45 10.51 -11.52 -2.38
CA GLY A 45 10.17 -12.64 -1.51
C GLY A 45 11.22 -12.94 -0.47
N THR A 46 12.44 -12.47 -0.70
CA THR A 46 13.54 -12.73 0.21
C THR A 46 13.44 -11.97 1.53
N PHE A 47 12.69 -10.87 1.54
CA PHE A 47 12.53 -10.06 2.75
C PHE A 47 11.41 -10.58 3.64
N PRO A 48 11.54 -10.41 4.98
CA PRO A 48 10.50 -10.89 5.88
C PRO A 48 9.24 -9.97 5.92
N PHE A 49 8.68 -9.71 4.73
CA PHE A 49 7.36 -9.09 4.60
C PHE A 49 6.25 -10.00 5.11
N ARG A 50 5.15 -9.41 5.56
CA ARG A 50 3.95 -10.21 5.84
C ARG A 50 3.36 -10.75 4.53
N GLY A 51 3.59 -10.02 3.45
CA GLY A 51 2.97 -10.34 2.18
C GLY A 51 3.16 -9.23 1.17
N PHE A 52 2.28 -9.21 0.17
CA PHE A 52 2.30 -8.22 -0.90
C PHE A 52 0.93 -7.51 -0.96
N VAL A 53 1.00 -6.20 -1.18
CA VAL A 53 -0.20 -5.43 -1.52
C VAL A 53 -0.18 -5.33 -3.04
N VAL A 54 -1.24 -5.83 -3.66
CA VAL A 54 -1.27 -5.97 -5.12
C VAL A 54 -2.42 -5.17 -5.68
N GLN A 55 -2.15 -4.40 -6.72
CA GLN A 55 -3.17 -3.48 -7.28
C GLN A 55 -3.58 -2.40 -6.27
N GLY A 56 -2.62 -1.98 -5.44
CA GLY A 56 -2.77 -0.78 -4.64
C GLY A 56 -2.43 0.43 -5.54
N SER A 57 -2.38 1.62 -4.95
CA SER A 57 -2.04 2.84 -5.74
C SER A 57 -0.72 2.70 -6.51
N ASN A 58 0.28 2.10 -5.86
CA ASN A 58 1.56 1.95 -6.51
C ASN A 58 1.57 0.94 -7.65
N GLY A 59 0.51 0.14 -7.75
CA GLY A 59 0.32 -0.81 -8.84
C GLY A 59 -0.30 -0.22 -10.10
N GLU A 60 -0.56 1.10 -10.13
CA GLU A 60 -1.26 1.75 -11.26
C GLU A 60 -2.63 1.13 -11.60
N PHE A 61 -3.35 0.67 -10.57
CA PHE A 61 -4.64 0.01 -10.77
C PHE A 61 -5.65 0.85 -11.63
N PRO A 62 -5.66 2.20 -11.50
CA PRO A 62 -6.65 2.93 -12.34
C PRO A 62 -6.36 2.79 -13.84
N PHE A 63 -5.13 2.41 -14.17
CA PHE A 63 -4.70 2.29 -15.58
C PHE A 63 -4.88 0.89 -16.17
N LEU A 64 -5.30 -0.08 -15.36
CA LEU A 64 -5.54 -1.44 -15.83
C LEU A 64 -6.99 -1.66 -16.14
N THR A 65 -7.27 -2.60 -17.06
CA THR A 65 -8.65 -3.03 -17.31
C THR A 65 -9.07 -3.92 -16.15
N SER A 66 -10.39 -4.10 -16.01
CA SER A 66 -10.93 -5.06 -15.06
C SER A 66 -10.17 -6.36 -15.10
N SER A 67 -10.06 -6.93 -16.30
CA SER A 67 -9.43 -8.22 -16.51
C SER A 67 -7.94 -8.24 -16.19
N GLU A 68 -7.23 -7.17 -16.51
CA GLU A 68 -5.81 -7.10 -16.16
C GLU A 68 -5.66 -7.08 -14.65
N ARG A 69 -6.50 -6.29 -13.99
CA ARG A 69 -6.45 -6.11 -12.54
C ARG A 69 -6.61 -7.46 -11.83
N LEU A 70 -7.58 -8.24 -12.32
CA LEU A 70 -7.83 -9.59 -11.82
C LEU A 70 -6.71 -10.56 -12.08
N GLU A 71 -6.20 -10.59 -13.31
CA GLU A 71 -5.14 -11.51 -13.69
C GLU A 71 -3.82 -11.17 -12.98
N VAL A 72 -3.57 -9.89 -12.73
CA VAL A 72 -2.41 -9.54 -11.93
C VAL A 72 -2.49 -10.18 -10.53
N VAL A 73 -3.65 -10.08 -9.87
CA VAL A 73 -3.84 -10.69 -8.54
C VAL A 73 -3.67 -12.22 -8.61
N SER A 74 -4.23 -12.82 -9.67
CA SER A 74 -4.11 -14.27 -9.89
C SER A 74 -2.66 -14.73 -10.05
N ARG A 75 -1.91 -14.06 -10.91
CA ARG A 75 -0.50 -14.36 -11.15
C ARG A 75 0.37 -14.14 -9.92
N VAL A 76 0.12 -13.05 -9.19
CA VAL A 76 0.88 -12.78 -7.96
C VAL A 76 0.63 -13.93 -6.96
N ARG A 77 -0.63 -14.34 -6.81
CA ARG A 77 -0.93 -15.47 -5.93
C ARG A 77 -0.09 -16.72 -6.28
N GLN A 78 0.10 -16.98 -7.57
CA GLN A 78 0.88 -18.13 -8.03
C GLN A 78 2.37 -17.99 -7.74
N ALA A 79 2.88 -16.76 -7.77
CA ALA A 79 4.29 -16.52 -7.53
C ALA A 79 4.61 -16.22 -6.06
N MET A 80 3.66 -16.51 -5.17
CA MET A 80 3.77 -16.22 -3.74
C MET A 80 3.66 -17.49 -2.94
N PRO A 81 4.39 -17.57 -1.82
CA PRO A 81 4.18 -18.63 -0.82
C PRO A 81 2.76 -18.59 -0.26
N LYS A 82 2.21 -19.75 0.07
CA LYS A 82 0.84 -19.83 0.55
C LYS A 82 0.69 -19.06 1.87
N ASN A 83 1.73 -19.05 2.69
CA ASN A 83 1.63 -18.38 3.99
C ASN A 83 1.97 -16.87 3.97
N ARG A 84 2.23 -16.30 2.80
CA ARG A 84 2.37 -14.83 2.69
C ARG A 84 0.98 -14.29 2.34
N LEU A 85 0.66 -13.12 2.88
CA LEU A 85 -0.69 -12.57 2.75
C LEU A 85 -0.82 -11.73 1.47
N LEU A 86 -1.80 -12.07 0.63
CA LEU A 86 -2.08 -11.26 -0.56
C LEU A 86 -3.22 -10.29 -0.24
N LEU A 87 -2.85 -9.05 -0.07
CA LEU A 87 -3.79 -7.99 0.18
C LEU A 87 -4.10 -7.30 -1.14
N ALA A 88 -5.31 -7.47 -1.64
CA ALA A 88 -5.57 -7.09 -3.04
C ALA A 88 -6.40 -5.81 -3.11
N GLY A 89 -5.98 -4.87 -3.97
CA GLY A 89 -6.73 -3.60 -4.12
C GLY A 89 -7.97 -3.81 -5.00
N SER A 90 -9.15 -3.83 -4.40
CA SER A 90 -10.38 -4.14 -5.12
C SER A 90 -11.35 -2.93 -5.18
N GLY A 91 -10.94 -1.79 -4.65
CA GLY A 91 -11.80 -0.62 -4.55
C GLY A 91 -12.13 0.01 -5.89
N CYS A 92 -13.41 0.29 -6.11
CA CYS A 92 -13.89 1.00 -7.30
C CYS A 92 -14.74 2.18 -6.83
N GLU A 93 -15.13 3.04 -7.77
CA GLU A 93 -15.94 4.19 -7.39
C GLU A 93 -17.30 3.76 -6.90
N SER A 94 -17.94 2.85 -7.63
CA SER A 94 -19.28 2.41 -7.23
C SER A 94 -19.21 1.25 -6.24
N THR A 95 -20.19 1.21 -5.36
CA THR A 95 -20.26 0.17 -4.34
C THR A 95 -20.43 -1.20 -4.99
N GLN A 96 -21.37 -1.31 -5.94
CA GLN A 96 -21.63 -2.58 -6.64
C GLN A 96 -20.38 -3.10 -7.40
N ALA A 97 -19.69 -2.21 -8.10
CA ALA A 97 -18.46 -2.59 -8.79
C ALA A 97 -17.39 -3.07 -7.81
N THR A 98 -17.34 -2.44 -6.64
CA THR A 98 -16.37 -2.81 -5.60
C THR A 98 -16.68 -4.23 -5.08
N VAL A 99 -17.95 -4.49 -4.81
CA VAL A 99 -18.41 -5.83 -4.42
C VAL A 99 -17.94 -6.86 -5.42
N GLU A 100 -18.23 -6.64 -6.70
CA GLU A 100 -17.88 -7.61 -7.75
C GLU A 100 -16.39 -7.84 -7.91
N MET A 101 -15.62 -6.75 -7.84
CA MET A 101 -14.17 -6.86 -7.93
C MET A 101 -13.61 -7.62 -6.70
N THR A 102 -14.18 -7.36 -5.53
CA THR A 102 -13.72 -7.97 -4.29
C THR A 102 -13.97 -9.49 -4.33
N VAL A 103 -15.18 -9.87 -4.75
CA VAL A 103 -15.52 -11.28 -4.93
C VAL A 103 -14.60 -11.96 -5.94
N SER A 104 -14.39 -11.34 -7.11
CA SER A 104 -13.54 -11.92 -8.15
C SER A 104 -12.07 -12.07 -7.70
N MET A 105 -11.59 -11.09 -6.92
CA MET A 105 -10.23 -11.18 -6.43
C MET A 105 -10.09 -12.27 -5.36
N ALA A 106 -11.11 -12.42 -4.52
CA ALA A 106 -11.15 -13.52 -3.54
C ALA A 106 -11.05 -14.87 -4.29
N GLN A 107 -11.83 -14.99 -5.36
CA GLN A 107 -11.87 -16.19 -6.20
C GLN A 107 -10.52 -16.59 -6.79
N VAL A 108 -9.64 -15.63 -7.06
CA VAL A 108 -8.31 -15.97 -7.56
C VAL A 108 -7.23 -15.96 -6.46
N GLY A 109 -7.67 -15.97 -5.21
CA GLY A 109 -6.75 -16.21 -4.10
C GLY A 109 -6.36 -15.04 -3.19
N ALA A 110 -6.98 -13.86 -3.35
CA ALA A 110 -6.66 -12.79 -2.39
C ALA A 110 -7.04 -13.20 -0.98
N ASP A 111 -6.16 -12.90 -0.02
CA ASP A 111 -6.45 -13.16 1.40
C ASP A 111 -7.32 -12.09 2.05
N ALA A 112 -7.19 -10.87 1.56
CA ALA A 112 -7.95 -9.75 2.07
C ALA A 112 -8.07 -8.67 1.00
N ALA A 113 -9.12 -7.85 1.10
CA ALA A 113 -9.37 -6.79 0.13
C ALA A 113 -9.10 -5.43 0.76
N MET A 114 -8.19 -4.69 0.14
CA MET A 114 -7.83 -3.34 0.55
C MET A 114 -8.65 -2.42 -0.35
N VAL A 115 -9.54 -1.64 0.27
CA VAL A 115 -10.58 -0.95 -0.47
C VAL A 115 -10.45 0.58 -0.27
N VAL A 116 -9.96 1.22 -1.31
CA VAL A 116 -9.77 2.67 -1.36
C VAL A 116 -11.13 3.38 -1.29
N THR A 117 -11.15 4.54 -0.67
CA THR A 117 -12.36 5.35 -0.56
C THR A 117 -12.78 5.79 -1.96
N PRO A 118 -14.06 5.60 -2.32
CA PRO A 118 -14.52 6.31 -3.53
C PRO A 118 -14.30 7.81 -3.32
N CYS A 119 -13.95 8.52 -4.38
CA CYS A 119 -13.56 9.92 -4.19
C CYS A 119 -13.91 10.90 -5.32
N TYR A 120 -14.42 10.42 -6.46
CA TYR A 120 -14.73 11.36 -7.54
C TYR A 120 -15.77 12.39 -7.10
N TYR A 121 -16.81 11.92 -6.42
CA TYR A 121 -17.85 12.80 -5.87
C TYR A 121 -17.53 13.19 -4.42
N ARG A 122 -16.33 13.75 -4.22
CA ARG A 122 -15.82 14.00 -2.88
C ARG A 122 -16.77 14.81 -2.03
N GLY A 123 -17.44 15.82 -2.60
CA GLY A 123 -18.38 16.64 -1.84
C GLY A 123 -19.53 15.86 -1.20
N ARG A 124 -19.89 14.71 -1.79
CA ARG A 124 -20.96 13.89 -1.23
C ARG A 124 -20.46 12.59 -0.55
N MET A 125 -19.14 12.45 -0.42
CA MET A 125 -18.61 11.27 0.28
C MET A 125 -18.57 11.55 1.79
N SER A 126 -19.75 11.71 2.38
CA SER A 126 -19.90 11.96 3.81
C SER A 126 -19.49 10.72 4.61
N SER A 127 -19.36 10.87 5.92
CA SER A 127 -19.15 9.70 6.78
C SER A 127 -20.21 8.64 6.55
N ALA A 128 -21.48 9.06 6.50
CA ALA A 128 -22.58 8.09 6.30
C ALA A 128 -22.44 7.35 4.98
N ALA A 129 -22.11 8.07 3.90
CA ALA A 129 -21.96 7.44 2.60
C ALA A 129 -20.83 6.38 2.62
N LEU A 130 -19.72 6.74 3.25
CA LEU A 130 -18.55 5.87 3.29
C LEU A 130 -18.82 4.67 4.20
N ILE A 131 -19.49 4.92 5.33
CA ILE A 131 -19.96 3.83 6.20
C ILE A 131 -20.81 2.84 5.42
N HIS A 132 -21.82 3.36 4.70
CA HIS A 132 -22.67 2.48 3.91
C HIS A 132 -21.89 1.71 2.84
N HIS A 133 -20.98 2.39 2.13
CA HIS A 133 -20.16 1.75 1.11
C HIS A 133 -19.37 0.58 1.70
N TYR A 134 -18.59 0.85 2.74
CA TYR A 134 -17.74 -0.19 3.30
C TYR A 134 -18.54 -1.31 4.00
N THR A 135 -19.66 -0.96 4.63
CA THR A 135 -20.52 -1.96 5.28
C THR A 135 -21.07 -2.96 4.25
N LYS A 136 -21.53 -2.45 3.12
CA LYS A 136 -22.01 -3.30 2.04
C LYS A 136 -20.92 -4.22 1.52
N VAL A 137 -19.76 -3.65 1.19
CA VAL A 137 -18.64 -4.43 0.67
C VAL A 137 -18.24 -5.52 1.69
N ALA A 138 -18.11 -5.13 2.95
CA ALA A 138 -17.74 -6.08 4.01
C ALA A 138 -18.78 -7.18 4.20
N ASP A 139 -20.07 -6.79 4.12
CA ASP A 139 -21.21 -7.75 4.16
C ASP A 139 -21.08 -8.81 3.07
N LEU A 140 -20.72 -8.38 1.86
CA LEU A 140 -20.76 -9.25 0.70
C LEU A 140 -19.42 -9.87 0.30
N SER A 141 -18.34 -9.52 1.01
CA SER A 141 -17.03 -9.98 0.63
C SER A 141 -16.76 -11.32 1.32
N PRO A 142 -16.29 -12.34 0.55
CA PRO A 142 -15.91 -13.62 1.17
C PRO A 142 -14.55 -13.56 1.89
N ILE A 143 -13.84 -12.42 1.77
CA ILE A 143 -12.54 -12.22 2.48
C ILE A 143 -12.58 -10.94 3.35
N PRO A 144 -11.70 -10.84 4.37
CA PRO A 144 -11.71 -9.67 5.26
C PRO A 144 -11.44 -8.39 4.47
N VAL A 145 -11.96 -7.28 4.96
CA VAL A 145 -11.79 -5.98 4.29
C VAL A 145 -10.84 -5.08 5.08
N VAL A 146 -9.93 -4.42 4.38
CA VAL A 146 -9.04 -3.45 4.99
C VAL A 146 -9.40 -2.08 4.35
N LEU A 147 -9.75 -1.12 5.20
CA LEU A 147 -10.04 0.26 4.75
C LEU A 147 -8.77 0.92 4.23
N TYR A 148 -8.91 1.83 3.26
CA TYR A 148 -7.71 2.46 2.72
C TYR A 148 -8.00 3.92 2.46
N SER A 149 -7.31 4.78 3.21
CA SER A 149 -7.42 6.23 3.11
C SER A 149 -6.09 6.80 2.58
N VAL A 150 -6.16 7.52 1.46
CA VAL A 150 -4.95 8.04 0.82
C VAL A 150 -5.22 9.43 0.19
N PRO A 151 -5.29 10.48 1.03
CA PRO A 151 -5.71 11.80 0.53
C PRO A 151 -4.81 12.39 -0.56
N ALA A 152 -3.54 11.98 -0.65
CA ALA A 152 -2.68 12.50 -1.74
C ALA A 152 -3.25 12.16 -3.12
N ASN A 153 -3.96 11.04 -3.22
CA ASN A 153 -4.56 10.65 -4.46
C ASN A 153 -6.06 10.94 -4.53
N THR A 154 -6.75 10.86 -3.39
CA THR A 154 -8.20 10.99 -3.39
C THR A 154 -8.72 12.39 -3.03
N GLY A 155 -7.86 13.20 -2.43
CA GLY A 155 -8.31 14.47 -1.87
C GLY A 155 -9.18 14.34 -0.61
N LEU A 156 -9.27 13.14 -0.01
CA LEU A 156 -10.09 13.03 1.20
C LEU A 156 -9.55 12.01 2.22
N ASP A 157 -9.76 12.33 3.50
CA ASP A 157 -9.47 11.40 4.60
C ASP A 157 -10.76 10.66 4.91
N LEU A 158 -10.68 9.34 5.07
CA LEU A 158 -11.82 8.59 5.58
C LEU A 158 -12.05 9.12 7.01
N PRO A 159 -13.24 9.69 7.30
CA PRO A 159 -13.36 10.38 8.60
C PRO A 159 -13.19 9.43 9.78
N VAL A 160 -12.65 9.94 10.87
CA VAL A 160 -12.44 9.12 12.08
C VAL A 160 -13.74 8.50 12.55
N ASP A 161 -14.85 9.26 12.53
CA ASP A 161 -16.10 8.68 13.04
C ASP A 161 -16.53 7.47 12.22
N ALA A 162 -16.30 7.54 10.91
CA ALA A 162 -16.61 6.43 10.01
C ALA A 162 -15.69 5.25 10.30
N VAL A 163 -14.39 5.51 10.47
CA VAL A 163 -13.44 4.43 10.81
C VAL A 163 -13.88 3.68 12.07
N VAL A 164 -14.23 4.43 13.12
CA VAL A 164 -14.63 3.85 14.40
C VAL A 164 -15.89 2.98 14.22
N THR A 165 -16.91 3.51 13.55
CA THR A 165 -18.11 2.72 13.26
C THR A 165 -17.77 1.45 12.49
N LEU A 166 -16.96 1.59 11.44
CA LEU A 166 -16.65 0.44 10.60
C LEU A 166 -15.80 -0.63 11.31
N SER A 167 -14.98 -0.20 12.27
CA SER A 167 -14.10 -1.12 12.99
C SER A 167 -14.90 -2.19 13.74
N GLN A 168 -16.18 -1.90 13.98
CA GLN A 168 -17.07 -2.83 14.69
C GLN A 168 -17.54 -3.97 13.81
N HIS A 169 -17.46 -3.81 12.49
CA HIS A 169 -17.91 -4.86 11.59
C HIS A 169 -17.01 -6.09 11.74
N PRO A 170 -17.60 -7.30 11.85
CA PRO A 170 -16.77 -8.52 11.98
C PRO A 170 -15.85 -8.78 10.79
N ASN A 171 -16.23 -8.31 9.61
CA ASN A 171 -15.45 -8.54 8.41
C ASN A 171 -14.55 -7.35 7.99
N ILE A 172 -14.42 -6.34 8.85
CA ILE A 172 -13.50 -5.21 8.59
C ILE A 172 -12.40 -5.27 9.64
N VAL A 173 -11.21 -5.65 9.19
CA VAL A 173 -10.16 -6.08 10.10
C VAL A 173 -9.05 -5.04 10.33
N GLY A 174 -9.07 -3.95 9.56
CA GLY A 174 -8.07 -2.93 9.79
C GLY A 174 -8.10 -1.86 8.73
N MET A 175 -7.02 -1.10 8.66
CA MET A 175 -6.97 0.05 7.78
C MET A 175 -5.50 0.31 7.47
N KPI A 176 -5.28 0.87 6.10
CA KPI A 176 -4.03 1.45 5.71
CB KPI A 176 -3.64 0.86 4.34
CG KPI A 176 -2.44 1.64 3.77
CD KPI A 176 -2.21 1.20 2.31
CE KPI A 176 -1.05 1.95 1.62
NZ KPI A 176 -1.14 1.43 0.23
CX1 KPI A 176 -0.20 1.80 -0.65
C1 KPI A 176 0.99 2.44 -0.30
CX2 KPI A 176 -0.57 1.50 -2.10
O1 KPI A 176 0.22 1.78 -3.04
O2 KPI A 176 -1.71 0.99 -2.25
C KPI A 176 -4.36 2.94 5.55
O KPI A 176 -5.34 3.33 4.90
N ASP A 177 -3.67 3.82 6.47
CA ASP A 177 -3.73 5.27 6.39
C ASP A 177 -2.43 5.85 5.82
N SER A 178 -2.52 6.48 4.66
CA SER A 178 -1.36 7.08 4.02
C SER A 178 -1.18 8.57 4.27
N GLY A 179 -2.10 9.19 5.01
CA GLY A 179 -2.05 10.65 5.23
C GLY A 179 -0.93 11.20 6.08
N GLY A 180 -0.27 10.35 6.89
CA GLY A 180 0.90 10.79 7.69
C GLY A 180 0.61 11.65 8.91
N ASP A 181 -0.64 11.70 9.36
CA ASP A 181 -1.03 12.51 10.52
C ASP A 181 -1.07 11.59 11.74
N VAL A 182 -0.04 11.65 12.58
CA VAL A 182 0.06 10.66 13.65
C VAL A 182 -0.86 11.00 14.82
N THR A 183 -1.35 12.24 14.89
CA THR A 183 -2.38 12.54 15.87
C THR A 183 -3.69 11.81 15.48
N ARG A 184 -4.07 11.94 14.21
CA ARG A 184 -5.20 11.18 13.66
C ARG A 184 -5.02 9.65 13.83
N ILE A 185 -3.84 9.14 13.50
CA ILE A 185 -3.62 7.68 13.59
C ILE A 185 -3.70 7.22 15.07
N GLY A 186 -3.05 7.97 15.96
CA GLY A 186 -3.12 7.69 17.40
C GLY A 186 -4.57 7.63 17.87
N LEU A 187 -5.37 8.57 17.38
CA LEU A 187 -6.77 8.65 17.80
C LEU A 187 -7.58 7.47 17.27
N ILE A 188 -7.30 7.07 16.04
CA ILE A 188 -7.96 5.91 15.46
C ILE A 188 -7.63 4.64 16.28
N VAL A 189 -6.36 4.43 16.58
CA VAL A 189 -5.94 3.27 17.40
C VAL A 189 -6.69 3.29 18.72
N HIS A 190 -6.65 4.44 19.39
CA HIS A 190 -7.29 4.59 20.69
C HIS A 190 -8.79 4.33 20.62
N LYS A 191 -9.47 4.90 19.63
CA LYS A 191 -10.94 4.76 19.59
C LYS A 191 -11.43 3.40 19.13
N THR A 192 -10.59 2.63 18.43
CA THR A 192 -10.96 1.30 18.00
C THR A 192 -10.35 0.21 18.89
N ARG A 193 -9.85 0.60 20.06
CA ARG A 193 -9.09 -0.33 20.92
C ARG A 193 -9.91 -1.56 21.35
N LYS A 194 -11.23 -1.41 21.43
CA LYS A 194 -12.09 -2.54 21.84
C LYS A 194 -12.42 -3.47 20.68
N GLN A 195 -11.99 -3.13 19.47
CA GLN A 195 -12.34 -3.92 18.31
C GLN A 195 -11.15 -4.69 17.79
N ASP A 196 -11.41 -5.73 17.01
CA ASP A 196 -10.36 -6.36 16.21
C ASP A 196 -10.14 -5.47 14.97
N PHE A 197 -9.09 -4.66 15.02
CA PHE A 197 -8.88 -3.59 14.03
C PHE A 197 -7.43 -3.13 14.07
N GLN A 198 -6.66 -3.52 13.05
CA GLN A 198 -5.24 -3.28 13.00
C GLN A 198 -4.93 -2.15 12.04
N VAL A 199 -4.12 -1.19 12.49
CA VAL A 199 -3.80 -0.04 11.64
C VAL A 199 -2.42 -0.21 11.03
N LEU A 200 -2.31 0.03 9.72
CA LEU A 200 -1.04 0.01 9.00
C LEU A 200 -0.76 1.42 8.47
N ALA A 201 0.47 1.88 8.66
CA ALA A 201 0.92 3.12 8.04
C ALA A 201 0.99 2.92 6.53
N GLY A 202 0.76 4.00 5.77
CA GLY A 202 0.76 3.89 4.32
C GLY A 202 2.03 4.38 3.65
N SER A 203 3.04 4.70 4.45
CA SER A 203 4.35 5.09 3.91
CA SER A 203 4.34 5.15 3.94
C SER A 203 5.43 4.88 4.97
N ALA A 204 6.68 4.77 4.51
CA ALA A 204 7.82 4.52 5.40
C ALA A 204 8.27 5.78 6.11
N GLY A 205 7.79 6.94 5.66
CA GLY A 205 8.23 8.21 6.25
C GLY A 205 7.75 8.43 7.68
N PHE A 206 6.59 7.88 8.04
CA PHE A 206 6.06 8.05 9.42
C PHE A 206 5.84 6.69 10.10
N LEU A 207 6.60 5.68 9.68
CA LEU A 207 6.40 4.34 10.19
C LEU A 207 6.77 4.20 11.67
N MET A 208 7.89 4.76 12.08
CA MET A 208 8.30 4.63 13.49
C MET A 208 7.28 5.29 14.42
N ALA A 209 6.87 6.51 14.05
CA ALA A 209 5.87 7.21 14.85
C ALA A 209 4.56 6.45 14.90
N SER A 210 4.21 5.79 13.79
CA SER A 210 2.98 4.98 13.73
C SER A 210 3.01 3.81 14.69
N TYR A 211 4.14 3.09 14.69
CA TYR A 211 4.33 2.04 15.66
C TYR A 211 4.23 2.59 17.08
N ALA A 212 4.88 3.73 17.35
CA ALA A 212 4.84 4.32 18.69
C ALA A 212 3.40 4.59 19.15
N LEU A 213 2.56 4.99 18.19
CA LEU A 213 1.15 5.29 18.47
C LEU A 213 0.19 4.07 18.43
N GLY A 214 0.72 2.90 18.10
CA GLY A 214 -0.11 1.70 18.16
C GLY A 214 -0.48 1.07 16.84
N ALA A 215 0.01 1.62 15.72
CA ALA A 215 -0.11 0.91 14.44
C ALA A 215 0.78 -0.34 14.50
N VAL A 216 0.46 -1.33 13.67
CA VAL A 216 1.12 -2.65 13.77
C VAL A 216 1.77 -3.03 12.44
N GLY A 217 2.06 -2.03 11.63
CA GLY A 217 2.77 -2.34 10.40
C GLY A 217 2.67 -1.21 9.40
N GLY A 218 3.01 -1.54 8.16
CA GLY A 218 3.13 -0.52 7.11
C GLY A 218 3.07 -1.14 5.74
N VAL A 219 2.33 -0.47 4.86
CA VAL A 219 2.35 -0.78 3.45
C VAL A 219 3.13 0.37 2.84
N CYS A 220 4.33 0.06 2.35
CA CYS A 220 5.29 1.12 2.03
C CYS A 220 5.88 0.94 0.64
N ALA A 221 5.58 1.88 -0.25
CA ALA A 221 6.20 1.90 -1.59
C ALA A 221 7.71 1.76 -1.50
N LEU A 222 8.31 2.41 -0.53
CA LEU A 222 9.76 2.37 -0.34
C LEU A 222 10.29 0.92 -0.16
N ALA A 223 9.47 0.01 0.38
CA ALA A 223 9.88 -1.39 0.57
C ALA A 223 10.14 -2.14 -0.74
N ASN A 224 9.66 -1.60 -1.88
CA ASN A 224 10.04 -2.15 -3.20
C ASN A 224 11.53 -2.05 -3.50
N VAL A 225 12.26 -1.15 -2.82
CA VAL A 225 13.69 -0.96 -3.06
C VAL A 225 14.51 -1.03 -1.80
N LEU A 226 13.97 -0.65 -0.65
CA LEU A 226 14.73 -0.80 0.60
C LEU A 226 14.00 -1.74 1.55
N GLY A 227 13.64 -2.91 1.03
CA GLY A 227 12.85 -3.88 1.82
C GLY A 227 13.51 -4.30 3.12
N ALA A 228 14.82 -4.56 3.10
CA ALA A 228 15.50 -5.01 4.35
C ALA A 228 15.50 -3.90 5.42
N GLN A 229 15.68 -2.66 4.97
CA GLN A 229 15.72 -1.51 5.84
C GLN A 229 14.37 -1.23 6.50
N VAL A 230 13.30 -1.34 5.71
CA VAL A 230 11.95 -1.13 6.23
C VAL A 230 11.62 -2.24 7.23
N CYS A 231 11.99 -3.46 6.89
CA CYS A 231 11.79 -4.59 7.82
C CYS A 231 12.62 -4.42 9.09
N GLN A 232 13.88 -3.95 8.94
CA GLN A 232 14.73 -3.65 10.11
C GLN A 232 14.07 -2.58 10.97
N LEU A 233 13.47 -1.58 10.35
CA LEU A 233 12.79 -0.55 11.11
C LEU A 233 11.66 -1.17 11.93
N GLU A 234 10.88 -2.03 11.31
CA GLU A 234 9.84 -2.77 12.03
C GLU A 234 10.43 -3.50 13.26
N ARG A 235 11.52 -4.24 13.02
CA ARG A 235 12.14 -4.99 14.11
C ARG A 235 12.58 -4.11 15.25
N LEU A 236 13.24 -3.00 14.94
CA LEU A 236 13.69 -2.07 15.97
C LEU A 236 12.53 -1.50 16.78
N CYS A 237 11.44 -1.13 16.10
CA CYS A 237 10.25 -0.66 16.82
C CYS A 237 9.63 -1.75 17.69
N CYS A 238 9.53 -2.97 17.17
CA CYS A 238 8.88 -4.06 17.91
C CYS A 238 9.69 -4.60 19.09
N THR A 239 10.97 -4.27 19.15
CA THR A 239 11.83 -4.77 20.22
C THR A 239 12.25 -3.64 21.15
N GLY A 240 11.64 -2.48 21.01
CA GLY A 240 11.93 -1.38 21.92
C GLY A 240 13.27 -0.70 21.68
N GLN A 241 13.88 -0.90 20.52
CA GLN A 241 15.13 -0.22 20.16
C GLN A 241 14.91 1.15 19.53
N TRP A 242 14.29 2.06 20.27
CA TRP A 242 13.77 3.29 19.70
C TRP A 242 14.86 4.25 19.27
N GLU A 243 15.97 4.27 20.01
CA GLU A 243 17.10 5.11 19.61
C GLU A 243 17.68 4.71 18.24
N ASP A 244 17.89 3.40 18.02
CA ASP A 244 18.36 2.93 16.70
C ASP A 244 17.24 3.10 15.65
N ALA A 245 16.00 2.86 16.06
CA ALA A 245 14.85 3.08 15.15
C ALA A 245 14.85 4.53 14.65
N GLN A 246 15.05 5.49 15.55
CA GLN A 246 15.10 6.91 15.18
C GLN A 246 16.13 7.21 14.08
N LYS A 247 17.35 6.72 14.26
CA LYS A 247 18.41 6.95 13.31
C LYS A 247 18.08 6.39 11.93
N LEU A 248 17.57 5.18 11.89
CA LEU A 248 17.17 4.55 10.62
C LEU A 248 15.96 5.30 10.01
N GLN A 249 14.96 5.56 10.84
CA GLN A 249 13.79 6.33 10.36
C GLN A 249 14.24 7.66 9.73
N HIS A 250 15.14 8.38 10.39
CA HIS A 250 15.64 9.65 9.85
C HIS A 250 16.21 9.50 8.44
N ARG A 251 16.98 8.43 8.23
CA ARG A 251 17.60 8.21 6.92
C ARG A 251 16.64 7.72 5.84
N LEU A 252 15.44 7.27 6.21
CA LEU A 252 14.46 6.85 5.21
C LEU A 252 13.52 7.98 4.76
N ILE A 253 13.57 9.12 5.45
CA ILE A 253 12.56 10.19 5.19
C ILE A 253 12.66 10.77 3.77
N GLU A 254 13.85 11.23 3.40
CA GLU A 254 14.04 11.79 2.06
C GLU A 254 13.85 10.76 0.93
N PRO A 255 14.48 9.56 1.03
CA PRO A 255 14.21 8.54 0.00
C PRO A 255 12.72 8.20 -0.08
N ASN A 256 12.04 8.15 1.06
CA ASN A 256 10.60 7.91 1.05
C ASN A 256 9.82 9.01 0.34
N ALA A 257 10.14 10.26 0.65
CA ALA A 257 9.50 11.42 -0.03
C ALA A 257 9.76 11.36 -1.53
N ALA A 258 10.97 10.97 -1.91
CA ALA A 258 11.33 10.88 -3.33
C ALA A 258 10.42 9.96 -4.15
N VAL A 259 10.09 8.79 -3.61
CA VAL A 259 9.27 7.81 -4.33
C VAL A 259 7.78 7.89 -3.99
N THR A 260 7.39 8.92 -3.26
CA THR A 260 5.98 9.11 -2.95
C THR A 260 5.61 10.53 -3.37
N ARG A 261 5.60 11.46 -2.43
CA ARG A 261 5.13 12.82 -2.71
C ARG A 261 5.94 13.57 -3.77
N ARG A 262 7.26 13.42 -3.82
CA ARG A 262 8.02 14.15 -4.83
C ARG A 262 7.82 13.63 -6.27
N PHE A 263 8.22 12.38 -6.51
CA PHE A 263 8.27 11.83 -7.87
C PHE A 263 7.37 10.63 -8.14
N GLY A 264 6.65 10.18 -7.13
CA GLY A 264 5.64 9.15 -7.27
C GLY A 264 6.16 7.87 -7.90
N ILE A 265 5.26 7.20 -8.63
CA ILE A 265 5.56 5.89 -9.26
C ILE A 265 6.71 5.99 -10.30
N PRO A 266 6.72 7.06 -11.13
CA PRO A 266 7.89 7.22 -11.99
C PRO A 266 9.20 7.26 -11.19
N GLY A 267 9.22 7.93 -10.04
CA GLY A 267 10.40 7.91 -9.19
C GLY A 267 10.68 6.51 -8.63
N LEU A 268 9.64 5.84 -8.16
CA LEU A 268 9.78 4.47 -7.62
C LEU A 268 10.35 3.50 -8.67
N LYS A 269 9.78 3.51 -9.88
CA LYS A 269 10.26 2.63 -10.94
C LYS A 269 11.71 2.93 -11.38
N LYS A 270 12.09 4.21 -11.35
CA LYS A 270 13.44 4.60 -11.71
C LYS A 270 14.43 4.07 -10.69
N ILE A 271 14.10 4.22 -9.42
CA ILE A 271 14.97 3.72 -8.36
C ILE A 271 15.02 2.18 -8.40
N MET A 272 13.90 1.54 -8.71
CA MET A 272 13.88 0.11 -8.94
C MET A 272 14.88 -0.31 -10.02
N ASP A 273 14.84 0.37 -11.17
CA ASP A 273 15.85 0.18 -12.23
C ASP A 273 17.27 0.24 -11.68
N TRP A 274 17.60 1.32 -10.97
CA TRP A 274 18.93 1.55 -10.43
C TRP A 274 19.38 0.52 -9.39
N PHE A 275 18.42 -0.08 -8.69
CA PHE A 275 18.70 -1.12 -7.70
C PHE A 275 18.75 -2.54 -8.30
N GLY A 276 18.46 -2.67 -9.60
CA GLY A 276 18.55 -3.96 -10.29
C GLY A 276 17.23 -4.69 -10.42
N TYR A 277 16.13 -4.08 -9.97
CA TYR A 277 14.83 -4.66 -10.23
C TYR A 277 14.39 -4.20 -11.60
N TYR A 278 13.30 -4.76 -12.11
CA TYR A 278 12.65 -4.16 -13.25
C TYR A 278 11.68 -3.05 -12.78
N GLY A 279 12.07 -1.80 -12.97
CA GLY A 279 11.15 -0.67 -12.73
C GLY A 279 10.34 -0.45 -13.99
N GLY A 280 11.04 -0.01 -15.04
CA GLY A 280 10.47 0.12 -16.39
C GLY A 280 9.50 1.31 -16.46
N PRO A 281 8.68 1.35 -17.52
CA PRO A 281 7.79 2.46 -17.81
C PRO A 281 6.50 2.39 -16.98
N CYS A 282 5.89 3.56 -16.74
CA CYS A 282 4.51 3.65 -16.27
C CYS A 282 3.58 3.65 -17.49
N ARG A 283 2.29 3.46 -17.25
CA ARG A 283 1.33 3.67 -18.33
C ARG A 283 0.98 5.15 -18.42
N ALA A 284 0.91 5.65 -19.65
CA ALA A 284 0.40 6.98 -19.94
C ALA A 284 -0.96 7.15 -19.24
N PRO A 285 -1.22 8.31 -18.62
CA PRO A 285 -0.53 9.60 -18.74
C PRO A 285 0.72 9.83 -17.88
N LEU A 286 1.08 8.88 -17.04
CA LEU A 286 2.32 9.02 -16.28
C LEU A 286 3.51 9.07 -17.23
N GLN A 287 4.46 9.92 -16.92
CA GLN A 287 5.61 10.11 -17.80
CA GLN A 287 5.61 10.17 -17.78
C GLN A 287 6.92 9.83 -17.08
N GLU A 288 7.98 9.66 -17.86
CA GLU A 288 9.33 9.57 -17.35
C GLU A 288 9.71 10.83 -16.61
N LEU A 289 10.64 10.71 -15.66
CA LEU A 289 11.19 11.85 -14.97
C LEU A 289 12.01 12.72 -15.92
N SER A 290 12.02 14.02 -15.66
CA SER A 290 12.93 14.92 -16.36
C SER A 290 14.33 14.67 -15.81
N PRO A 291 15.37 15.10 -16.54
CA PRO A 291 16.74 14.89 -16.01
C PRO A 291 16.98 15.53 -14.65
N ALA A 292 16.44 16.73 -14.43
CA ALA A 292 16.51 17.39 -13.14
C ALA A 292 15.83 16.57 -12.03
N GLU A 293 14.68 15.98 -12.34
CA GLU A 293 13.96 15.14 -11.38
C GLU A 293 14.77 13.87 -11.09
N GLU A 294 15.37 13.29 -12.12
CA GLU A 294 16.22 12.11 -11.93
C GLU A 294 17.38 12.38 -10.99
N GLU A 295 17.99 13.55 -11.16
CA GLU A 295 19.12 13.96 -10.35
C GLU A 295 18.70 14.19 -8.90
N ALA A 296 17.60 14.90 -8.71
CA ALA A 296 17.03 15.10 -7.38
C ALA A 296 16.71 13.75 -6.69
N LEU A 297 16.13 12.82 -7.45
CA LEU A 297 15.82 11.47 -6.93
C LEU A 297 17.12 10.80 -6.48
N ARG A 298 18.13 10.83 -7.35
CA ARG A 298 19.43 10.24 -7.06
C ARG A 298 20.01 10.81 -5.75
N MET A 299 20.02 12.14 -5.63
CA MET A 299 20.53 12.82 -4.43
C MET A 299 19.81 12.42 -3.13
N ASP A 300 18.48 12.29 -3.18
CA ASP A 300 17.72 11.85 -1.99
C ASP A 300 18.18 10.47 -1.48
N PHE A 301 18.61 9.61 -2.40
CA PHE A 301 19.12 8.30 -1.99
C PHE A 301 20.60 8.32 -1.59
N THR A 302 21.43 9.00 -2.39
CA THR A 302 22.88 9.05 -2.16
C THR A 302 23.22 9.84 -0.89
N SER A 303 22.55 10.96 -0.65
CA SER A 303 22.86 11.76 0.52
C SER A 303 22.44 11.09 1.83
N ASN A 304 21.65 10.03 1.75
CA ASN A 304 21.22 9.29 2.93
C ASN A 304 21.90 7.91 3.01
N GLY A 305 22.89 7.72 2.14
CA GLY A 305 23.75 6.54 2.18
C GLY A 305 23.19 5.28 1.58
N TRP A 306 22.18 5.40 0.71
CA TRP A 306 21.54 4.20 0.15
C TRP A 306 21.97 3.85 -1.26
N LEU A 307 22.68 4.76 -1.90
CA LEU A 307 23.08 4.61 -3.29
C LEU A 307 24.47 5.20 -3.47
C1 EDO B . 17.75 -11.37 -13.41
O1 EDO B . 17.03 -12.28 -12.56
C2 EDO B . 17.74 -9.99 -12.79
O2 EDO B . 18.67 -9.94 -11.73
C1 EDO C . 18.01 -6.54 -5.76
O1 EDO C . 17.31 -7.69 -5.31
C2 EDO C . 17.62 -6.30 -7.22
O2 EDO C . 18.15 -7.38 -7.98
C1 EDO D . 2.57 9.69 -8.80
O1 EDO D . 2.54 8.58 -9.58
C2 EDO D . 1.27 9.74 -8.09
O2 EDO D . 1.09 11.02 -7.72
C1 EDO E . 6.55 -5.88 -8.82
O1 EDO E . 7.18 -5.23 -9.94
C2 EDO E . 7.23 -5.42 -7.51
O2 EDO E . 7.08 -4.00 -7.27
C1 EDO F . 21.92 -0.73 -5.63
O1 EDO F . 22.83 -1.20 -6.63
C2 EDO F . 22.68 0.01 -4.54
O2 EDO F . 22.50 -0.69 -3.30
C1 EDO G . 2.27 7.83 -5.68
O1 EDO G . 2.59 7.76 -4.28
C2 EDO G . 1.15 6.84 -6.02
O2 EDO G . 0.20 6.83 -4.96
K K H . -13.50 -5.62 13.13
#